data_6BHF
#
_entry.id   6BHF
#
_cell.length_a   90.951
_cell.length_b   90.951
_cell.length_c   67.048
_cell.angle_alpha   90.00
_cell.angle_beta   90.00
_cell.angle_gamma   120.00
#
_symmetry.space_group_name_H-M   'P 32 2 1'
#
loop_
_entity.id
_entity.type
_entity.pdbx_description
1 polymer 'Putative peptidyl-prolyl cis-trans isomerase HP_0175'
2 water water
#
_entity_poly.entity_id   1
_entity_poly.type   'polypeptide(L)'
_entity_poly.pdbx_seq_one_letter_code
;MKKNILNLALVGALSTSFLMAKPAHNANNATHNTKKTTDSSAGVLATVDGRPITKSDFDMIKQRNPNFDFDKLKEKEKET
LIDQAIRTALVENEAKTEKLDSTPEFKAMMEAVKKQALVEFWAKKQAEEVKKVQIPEKEMQDFYNANKDQLFVKQEAHAR
HILVKTEDEAKRIISEIDKQPKAKKEAKFIELANRDTIDPNSKNAQNGGDLGKFQKNQMAPDFSKAAFALTPGDYTKTPV
KTEFGYHIIYLISKDSPVTYTYEQAKPTIKGMLQEKLFQERMNQRIEELRKHAKIVINK
;
_entity_poly.pdbx_strand_id   A
#
# COMPACT_ATOMS: atom_id res chain seq x y z
N GLY A 43 39.14 -4.28 7.09
CA GLY A 43 37.93 -4.96 6.58
C GLY A 43 38.08 -5.26 5.09
N VAL A 44 39.29 -5.67 4.66
CA VAL A 44 39.47 -6.32 3.34
C VAL A 44 39.08 -7.76 3.61
N LEU A 45 37.94 -8.14 3.04
CA LEU A 45 37.37 -9.44 3.33
C LEU A 45 38.00 -10.54 2.45
N ALA A 46 38.36 -10.15 1.21
CA ALA A 46 38.93 -11.01 0.19
C ALA A 46 39.49 -10.14 -0.92
N THR A 47 40.30 -10.71 -1.79
CA THR A 47 40.65 -10.06 -3.02
C THR A 47 40.27 -10.99 -4.17
N VAL A 48 39.93 -10.39 -5.29
CA VAL A 48 39.75 -11.13 -6.54
C VAL A 48 40.76 -10.55 -7.52
N ASP A 49 41.74 -11.32 -7.99
CA ASP A 49 42.79 -10.73 -8.82
C ASP A 49 43.35 -9.43 -8.19
N GLY A 50 43.57 -9.43 -6.89
CA GLY A 50 44.15 -8.29 -6.21
C GLY A 50 43.13 -7.28 -5.76
N ARG A 51 41.97 -7.27 -6.40
CA ARG A 51 41.04 -6.22 -6.16
C ARG A 51 40.27 -6.51 -4.91
N PRO A 52 40.25 -5.57 -3.95
CA PRO A 52 39.64 -5.90 -2.65
C PRO A 52 38.18 -6.03 -2.74
N ILE A 53 37.67 -6.99 -2.01
CA ILE A 53 36.30 -7.02 -1.61
C ILE A 53 36.30 -6.51 -0.19
N THR A 54 35.35 -5.63 0.07
CA THR A 54 35.25 -4.93 1.32
C THR A 54 33.81 -4.84 1.76
N LYS A 55 33.53 -4.42 3.00
CA LYS A 55 32.14 -4.33 3.47
C LYS A 55 31.32 -3.31 2.63
N SER A 56 31.98 -2.33 2.04
CA SER A 56 31.32 -1.43 1.10
C SER A 56 30.66 -2.13 -0.09
N ASP A 57 31.14 -3.30 -0.50
CA ASP A 57 30.45 -4.15 -1.50
C ASP A 57 28.99 -4.62 -1.11
N PHE A 58 28.48 -4.33 0.09
CA PHE A 58 27.12 -4.79 0.52
C PHE A 58 26.04 -3.68 0.55
N ASP A 59 24.73 -4.05 0.70
CA ASP A 59 23.49 -3.17 0.42
C ASP A 59 22.18 -3.31 1.28
N MET A 60 21.85 -2.27 2.07
CA MET A 60 20.69 -2.28 3.02
C MET A 60 19.29 -2.51 2.37
N ASP A 69 23.53 -4.90 8.48
CA ASP A 69 24.90 -4.93 9.09
C ASP A 69 25.74 -6.25 8.98
N PHE A 70 26.78 -6.19 8.16
CA PHE A 70 27.72 -7.28 7.96
C PHE A 70 28.29 -7.91 9.23
N ASP A 71 28.69 -7.08 10.20
CA ASP A 71 29.35 -7.58 11.43
C ASP A 71 28.44 -8.27 12.42
N LYS A 72 27.17 -7.89 12.41
CA LYS A 72 26.12 -8.63 13.11
C LYS A 72 25.77 -10.00 12.46
N LEU A 73 26.15 -10.22 11.18
CA LEU A 73 25.83 -11.48 10.46
C LEU A 73 26.57 -12.65 11.09
N LYS A 74 25.93 -13.82 11.15
CA LYS A 74 26.54 -15.10 11.59
C LYS A 74 27.77 -15.42 10.76
N GLU A 75 28.85 -15.89 11.40
CA GLU A 75 30.13 -16.22 10.69
C GLU A 75 29.92 -16.98 9.35
N LYS A 76 29.00 -17.94 9.31
CA LYS A 76 28.73 -18.64 8.08
C LYS A 76 27.91 -17.81 7.08
N GLU A 77 26.97 -16.99 7.55
CA GLU A 77 26.31 -15.96 6.70
C GLU A 77 27.35 -15.06 6.03
N LYS A 78 28.37 -14.70 6.79
CA LYS A 78 29.39 -13.84 6.23
C LYS A 78 30.07 -14.52 5.07
N GLU A 79 30.34 -15.82 5.22
CA GLU A 79 31.07 -16.61 4.22
C GLU A 79 30.34 -16.61 2.91
N THR A 80 29.04 -16.91 2.99
CA THR A 80 28.09 -16.86 1.91
C THR A 80 28.00 -15.48 1.22
N LEU A 81 28.06 -14.37 1.97
CA LEU A 81 28.05 -13.11 1.37
C LEU A 81 29.33 -12.75 0.65
N ILE A 82 30.44 -13.09 1.26
CA ILE A 82 31.72 -12.83 0.63
C ILE A 82 31.74 -13.58 -0.73
N ASP A 83 31.24 -14.80 -0.77
CA ASP A 83 31.22 -15.51 -2.03
C ASP A 83 30.31 -14.83 -3.07
N GLN A 84 29.12 -14.39 -2.65
CA GLN A 84 28.24 -13.68 -3.54
C GLN A 84 28.98 -12.50 -4.12
N ALA A 85 29.73 -11.81 -3.28
CA ALA A 85 30.39 -10.61 -3.78
C ALA A 85 31.58 -11.01 -4.65
N ILE A 86 32.21 -12.16 -4.35
CA ILE A 86 33.24 -12.66 -5.23
C ILE A 86 32.68 -12.98 -6.67
N ARG A 87 31.58 -13.67 -6.69
CA ARG A 87 30.82 -13.99 -7.88
C ARG A 87 30.36 -12.77 -8.66
N THR A 88 29.88 -11.75 -7.96
CA THR A 88 29.62 -10.47 -8.54
C THR A 88 30.81 -9.80 -9.23
N ALA A 89 31.92 -9.81 -8.55
CA ALA A 89 33.12 -9.23 -9.06
C ALA A 89 33.61 -10.02 -10.29
N LEU A 90 33.49 -11.35 -10.28
CA LEU A 90 33.90 -12.15 -11.44
C LEU A 90 33.03 -11.84 -12.66
N VAL A 91 31.75 -11.69 -12.40
CA VAL A 91 30.80 -11.30 -13.45
C VAL A 91 31.11 -9.89 -13.96
N GLU A 92 31.48 -9.00 -13.07
CA GLU A 92 31.71 -7.66 -13.49
C GLU A 92 32.93 -7.60 -14.40
N ASN A 93 34.00 -8.23 -13.96
CA ASN A 93 35.19 -8.30 -14.73
C ASN A 93 34.96 -8.84 -16.12
N GLU A 94 34.16 -9.88 -16.19
CA GLU A 94 33.83 -10.49 -17.46
C GLU A 94 33.01 -9.57 -18.38
N ALA A 95 32.03 -8.90 -17.78
CA ALA A 95 31.17 -7.95 -18.47
C ALA A 95 31.95 -6.80 -19.03
N LYS A 96 32.89 -6.29 -18.25
CA LYS A 96 33.79 -5.28 -18.72
C LYS A 96 34.74 -5.79 -19.81
N THR A 97 35.24 -7.00 -19.68
CA THR A 97 36.14 -7.50 -20.73
C THR A 97 35.34 -7.58 -22.01
N GLU A 98 34.12 -8.02 -21.91
CA GLU A 98 33.30 -8.12 -23.06
C GLU A 98 32.69 -6.81 -23.53
N LYS A 99 33.05 -5.73 -22.85
CA LYS A 99 32.51 -4.39 -23.08
C LYS A 99 31.01 -4.36 -23.20
N LEU A 100 30.40 -5.08 -22.29
CA LEU A 100 29.01 -5.08 -22.19
C LEU A 100 28.60 -3.67 -21.86
N ASP A 101 29.44 -2.94 -21.13
CA ASP A 101 29.09 -1.55 -20.71
C ASP A 101 29.13 -0.54 -21.84
N SER A 102 29.97 -0.73 -22.85
CA SER A 102 29.95 0.15 -24.04
C SER A 102 28.84 -0.13 -25.01
N THR A 103 28.02 -1.15 -24.82
CA THR A 103 27.01 -1.44 -25.83
C THR A 103 25.79 -0.54 -25.67
N PRO A 104 24.99 -0.44 -26.74
CA PRO A 104 23.98 0.63 -26.77
C PRO A 104 22.80 0.28 -25.86
N GLU A 105 22.36 -0.97 -25.99
CA GLU A 105 21.48 -1.65 -25.04
C GLU A 105 21.79 -1.23 -23.61
N PHE A 106 22.99 -1.54 -23.15
CA PHE A 106 23.37 -1.19 -21.80
C PHE A 106 23.41 0.32 -21.50
N LYS A 107 24.02 1.09 -22.39
CA LYS A 107 24.14 2.50 -22.20
C LYS A 107 22.79 3.17 -22.07
N ALA A 108 21.86 2.74 -22.88
CA ALA A 108 20.52 3.31 -22.84
C ALA A 108 19.98 3.00 -21.49
N MET A 109 20.05 1.73 -21.14
CA MET A 109 19.56 1.31 -19.86
C MET A 109 20.26 1.97 -18.69
N MET A 110 21.55 2.19 -18.80
CA MET A 110 22.28 2.85 -17.77
C MET A 110 21.82 4.29 -17.57
N GLU A 111 21.39 4.98 -18.61
CA GLU A 111 20.92 6.34 -18.45
C GLU A 111 19.68 6.40 -17.60
N ALA A 112 18.75 5.49 -17.81
CA ALA A 112 17.54 5.40 -17.00
C ALA A 112 17.86 5.18 -15.53
N VAL A 113 18.75 4.24 -15.33
CA VAL A 113 19.20 3.82 -14.01
C VAL A 113 19.86 5.01 -13.28
N LYS A 114 20.74 5.71 -13.98
CA LYS A 114 21.43 6.87 -13.44
C LYS A 114 20.46 8.02 -13.10
N LYS A 115 19.54 8.31 -14.01
CA LYS A 115 18.49 9.26 -13.71
C LYS A 115 17.68 8.88 -12.49
N GLN A 116 17.27 7.59 -12.41
CA GLN A 116 16.48 7.14 -11.29
C GLN A 116 17.29 7.29 -10.03
N ALA A 117 18.58 6.96 -10.14
CA ALA A 117 19.43 7.00 -8.99
C ALA A 117 19.62 8.40 -8.47
N LEU A 118 19.77 9.30 -9.40
CA LEU A 118 20.03 10.71 -9.11
C LEU A 118 18.76 11.30 -8.48
N VAL A 119 17.64 10.87 -9.01
CA VAL A 119 16.38 11.29 -8.44
C VAL A 119 16.13 10.78 -7.04
N GLU A 120 16.41 9.51 -6.80
CA GLU A 120 16.21 8.95 -5.46
C GLU A 120 17.18 9.51 -4.51
N PHE A 121 18.35 9.84 -5.00
CA PHE A 121 19.38 10.45 -4.20
C PHE A 121 18.86 11.76 -3.68
N TRP A 122 18.32 12.55 -4.60
CA TRP A 122 17.77 13.88 -4.25
C TRP A 122 16.63 13.72 -3.28
N ALA A 123 15.81 12.69 -3.44
CA ALA A 123 14.68 12.48 -2.56
C ALA A 123 15.14 12.01 -1.16
N LYS A 124 16.13 11.14 -1.13
CA LYS A 124 16.70 10.75 0.12
C LYS A 124 17.11 11.99 0.93
N LYS A 125 17.77 12.93 0.25
CA LYS A 125 18.15 14.14 0.90
C LYS A 125 16.99 14.91 1.44
N GLN A 126 15.85 14.88 0.76
CA GLN A 126 14.67 15.58 1.26
C GLN A 126 14.27 14.93 2.54
N ALA A 127 14.32 13.60 2.54
CA ALA A 127 13.83 12.77 3.65
C ALA A 127 14.69 13.03 4.88
N GLU A 128 15.96 13.29 4.64
CA GLU A 128 16.85 13.56 5.73
C GLU A 128 16.61 14.88 6.41
N GLU A 129 16.10 15.89 5.69
CA GLU A 129 15.71 17.11 6.40
C GLU A 129 14.52 16.89 7.30
N VAL A 130 13.63 16.02 6.88
CA VAL A 130 12.48 15.60 7.65
C VAL A 130 12.90 14.89 8.94
N LYS A 131 13.84 13.95 8.86
CA LYS A 131 14.31 13.14 10.01
C LYS A 131 14.88 13.97 11.15
N LYS A 132 15.53 15.10 10.84
CA LYS A 132 16.01 16.00 11.85
C LYS A 132 14.98 16.71 12.63
N VAL A 133 13.75 16.76 12.15
CA VAL A 133 12.63 17.39 12.87
C VAL A 133 11.95 16.44 13.87
N GLN A 134 11.83 16.89 15.12
CA GLN A 134 11.17 16.10 16.15
C GLN A 134 9.67 16.15 15.85
N ILE A 135 8.99 15.01 15.86
CA ILE A 135 7.55 15.03 15.72
C ILE A 135 6.98 15.19 17.12
N PRO A 136 6.25 16.28 17.39
CA PRO A 136 5.75 16.50 18.72
C PRO A 136 4.74 15.44 19.16
N GLU A 137 4.93 14.98 20.39
CA GLU A 137 4.02 14.07 21.09
C GLU A 137 2.57 14.33 20.80
N LYS A 138 2.22 15.60 20.83
CA LYS A 138 0.90 16.09 20.48
C LYS A 138 0.41 15.77 19.05
N GLU A 139 1.22 16.05 18.03
CA GLU A 139 0.90 15.61 16.73
C GLU A 139 0.63 14.09 16.72
N MET A 140 1.38 13.32 17.50
CA MET A 140 1.25 11.86 17.47
C MET A 140 -0.06 11.32 18.14
N GLN A 141 -0.45 11.87 19.27
CA GLN A 141 -1.70 11.46 19.94
C GLN A 141 -2.84 11.95 19.13
N ASP A 142 -2.69 13.11 18.50
CA ASP A 142 -3.82 13.62 17.74
C ASP A 142 -4.10 12.64 16.65
N PHE A 143 -3.04 12.25 15.94
CA PHE A 143 -3.12 11.31 14.84
C PHE A 143 -3.70 9.98 15.28
N TYR A 144 -3.23 9.50 16.43
CA TYR A 144 -3.70 8.23 17.00
C TYR A 144 -5.21 8.27 17.22
N ASN A 145 -5.66 9.28 17.93
CA ASN A 145 -7.10 9.50 18.16
C ASN A 145 -7.94 9.65 16.95
N ALA A 146 -7.55 10.56 16.07
CA ALA A 146 -8.25 10.69 14.79
C ALA A 146 -8.26 9.41 13.98
N ASN A 147 -7.25 8.57 14.03
CA ASN A 147 -7.12 7.50 12.99
C ASN A 147 -7.15 6.10 13.47
N LYS A 148 -7.37 6.01 14.78
CA LYS A 148 -7.44 4.81 15.59
C LYS A 148 -8.27 3.70 14.96
N ASP A 149 -9.55 4.03 14.70
CA ASP A 149 -10.57 3.07 14.31
C ASP A 149 -10.30 2.62 12.90
N GLN A 150 -9.71 3.54 12.15
CA GLN A 150 -9.44 3.33 10.74
C GLN A 150 -8.14 2.52 10.55
N LEU A 151 -7.10 2.81 11.31
CA LEU A 151 -5.78 2.20 11.01
C LEU A 151 -5.23 1.34 12.11
N PHE A 152 -5.78 1.43 13.31
CA PHE A 152 -5.13 0.81 14.46
C PHE A 152 -6.03 -0.23 15.12
N VAL A 153 -6.91 -0.83 14.31
CA VAL A 153 -7.87 -1.89 14.77
C VAL A 153 -7.67 -3.08 13.88
N LYS A 154 -7.22 -4.19 14.47
CA LYS A 154 -7.14 -5.42 13.79
C LYS A 154 -8.50 -6.12 13.88
N GLN A 155 -9.12 -6.43 12.74
CA GLN A 155 -10.48 -6.97 12.75
C GLN A 155 -10.73 -7.45 11.34
N GLU A 156 -11.35 -8.61 11.25
CA GLU A 156 -11.57 -9.25 9.99
C GLU A 156 -13.07 -9.41 9.77
N ALA A 157 -13.46 -9.26 8.52
CA ALA A 157 -14.88 -9.39 8.18
C ALA A 157 -15.01 -10.15 6.94
N HIS A 158 -16.17 -10.75 6.84
CA HIS A 158 -16.56 -11.40 5.62
C HIS A 158 -17.84 -10.70 5.23
N ALA A 159 -17.84 -10.16 4.04
CA ALA A 159 -18.99 -9.46 3.60
C ALA A 159 -19.16 -9.56 2.12
N ARG A 160 -20.31 -9.16 1.65
CA ARG A 160 -20.56 -9.13 0.24
C ARG A 160 -21.11 -7.78 -0.10
N HIS A 161 -20.93 -7.39 -1.34
CA HIS A 161 -21.40 -6.10 -1.73
C HIS A 161 -21.98 -6.07 -3.11
N ILE A 162 -22.66 -4.98 -3.38
CA ILE A 162 -23.24 -4.71 -4.64
C ILE A 162 -22.78 -3.33 -4.93
N LEU A 163 -22.29 -3.19 -6.15
CA LEU A 163 -21.87 -1.93 -6.67
C LEU A 163 -22.81 -1.52 -7.77
N VAL A 164 -23.34 -0.29 -7.70
CA VAL A 164 -24.16 0.30 -8.75
C VAL A 164 -23.78 1.75 -9.06
N LYS A 165 -24.26 2.25 -10.20
CA LYS A 165 -23.75 3.48 -10.71
C LYS A 165 -24.35 4.67 -9.99
N THR A 166 -25.60 4.60 -9.55
CA THR A 166 -26.24 5.77 -9.00
C THR A 166 -26.79 5.55 -7.64
N GLU A 167 -26.94 6.64 -6.90
CA GLU A 167 -27.55 6.59 -5.57
C GLU A 167 -28.95 6.01 -5.57
N ASP A 168 -29.80 6.47 -6.49
CA ASP A 168 -31.14 5.86 -6.64
C ASP A 168 -31.16 4.35 -7.02
N GLU A 169 -30.31 3.88 -7.91
CA GLU A 169 -30.20 2.41 -8.09
C GLU A 169 -29.86 1.71 -6.74
N ALA A 170 -28.88 2.26 -6.01
CA ALA A 170 -28.55 1.68 -4.72
C ALA A 170 -29.74 1.74 -3.81
N LYS A 171 -30.45 2.84 -3.86
CA LYS A 171 -31.59 2.97 -2.99
C LYS A 171 -32.65 1.99 -3.37
N ARG A 172 -32.81 1.74 -4.65
CA ARG A 172 -33.81 0.79 -5.06
C ARG A 172 -33.52 -0.58 -4.53
N ILE A 173 -32.27 -0.99 -4.61
CA ILE A 173 -31.83 -2.28 -4.14
C ILE A 173 -32.07 -2.48 -2.65
N ILE A 174 -31.71 -1.52 -1.85
CA ILE A 174 -32.00 -1.56 -0.42
C ILE A 174 -33.50 -1.76 -0.16
N SER A 175 -34.39 -1.05 -0.86
CA SER A 175 -35.88 -1.22 -0.58
C SER A 175 -36.42 -2.59 -0.84
N GLU A 176 -35.92 -3.18 -1.89
CA GLU A 176 -36.25 -4.55 -2.29
C GLU A 176 -35.92 -5.52 -1.24
N ILE A 177 -34.75 -5.33 -0.67
CA ILE A 177 -34.26 -6.23 0.36
C ILE A 177 -35.07 -5.88 1.59
N ASP A 178 -35.22 -4.59 1.90
CA ASP A 178 -36.08 -4.19 3.03
C ASP A 178 -37.39 -4.92 3.03
N LYS A 179 -38.03 -5.08 1.87
CA LYS A 179 -39.31 -5.86 1.78
C LYS A 179 -39.26 -7.31 2.17
N GLN A 180 -38.08 -7.88 2.26
CA GLN A 180 -38.04 -9.31 2.33
C GLN A 180 -38.19 -9.70 3.79
N PRO A 181 -38.90 -10.82 4.06
CA PRO A 181 -38.86 -11.30 5.48
C PRO A 181 -37.40 -11.53 5.91
N LYS A 182 -37.08 -11.36 7.20
CA LYS A 182 -35.66 -11.48 7.66
C LYS A 182 -34.87 -12.68 7.05
N ALA A 183 -35.44 -13.85 7.19
CA ALA A 183 -34.96 -15.09 6.58
C ALA A 183 -34.59 -14.97 5.10
N LYS A 184 -35.24 -14.07 4.34
CA LYS A 184 -35.02 -14.01 2.88
C LYS A 184 -33.99 -12.98 2.44
N LYS A 185 -33.61 -12.14 3.38
CA LYS A 185 -32.81 -10.96 3.02
C LYS A 185 -31.46 -11.28 2.39
N GLU A 186 -30.75 -12.24 2.95
CA GLU A 186 -29.49 -12.65 2.40
C GLU A 186 -29.61 -13.17 0.98
N ALA A 187 -30.51 -14.09 0.71
CA ALA A 187 -30.65 -14.59 -0.67
C ALA A 187 -31.11 -13.51 -1.63
N LYS A 188 -32.01 -12.65 -1.18
CA LYS A 188 -32.36 -11.51 -2.01
C LYS A 188 -31.14 -10.64 -2.33
N PHE A 189 -30.28 -10.42 -1.35
CA PHE A 189 -29.09 -9.61 -1.57
C PHE A 189 -28.26 -10.31 -2.62
N ILE A 190 -28.10 -11.62 -2.47
CA ILE A 190 -27.26 -12.39 -3.41
C ILE A 190 -27.82 -12.33 -4.84
N GLU A 191 -29.12 -12.45 -4.90
CA GLU A 191 -29.79 -12.43 -6.19
C GLU A 191 -29.59 -11.11 -6.92
N LEU A 192 -29.89 -10.03 -6.22
CA LEU A 192 -29.67 -8.70 -6.78
C LEU A 192 -28.24 -8.40 -7.13
N ALA A 193 -27.30 -8.86 -6.31
CA ALA A 193 -25.90 -8.68 -6.62
C ALA A 193 -25.55 -9.32 -7.92
N ASN A 194 -26.04 -10.54 -8.15
CA ASN A 194 -25.77 -11.24 -9.40
C ASN A 194 -26.40 -10.60 -10.60
N ARG A 195 -27.57 -10.06 -10.43
CA ARG A 195 -28.29 -9.40 -11.53
C ARG A 195 -27.73 -8.01 -11.74
N ASP A 196 -27.71 -7.24 -10.68
CA ASP A 196 -27.41 -5.83 -10.80
C ASP A 196 -26.06 -5.25 -10.49
N THR A 197 -25.16 -5.98 -9.87
CA THR A 197 -23.89 -5.36 -9.55
C THR A 197 -23.11 -4.98 -10.75
N ILE A 198 -22.33 -3.93 -10.66
CA ILE A 198 -21.51 -3.58 -11.78
C ILE A 198 -20.06 -3.88 -11.51
N ASP A 199 -19.77 -4.53 -10.40
CA ASP A 199 -18.42 -4.95 -10.09
C ASP A 199 -18.12 -6.07 -11.07
N PRO A 200 -17.17 -5.87 -11.97
CA PRO A 200 -16.84 -6.86 -13.00
C PRO A 200 -16.56 -8.23 -12.46
N ASN A 201 -15.71 -8.36 -11.44
CA ASN A 201 -15.43 -9.68 -10.92
C ASN A 201 -16.66 -10.28 -10.32
N SER A 202 -17.38 -9.49 -9.57
CA SER A 202 -18.59 -9.98 -8.97
C SER A 202 -19.55 -10.41 -10.04
N LYS A 203 -19.73 -9.57 -11.05
CA LYS A 203 -20.62 -9.85 -12.14
C LYS A 203 -20.20 -11.12 -12.85
N ASN A 204 -18.94 -11.18 -13.22
CA ASN A 204 -18.43 -12.36 -13.89
C ASN A 204 -18.56 -13.60 -13.04
N ALA A 205 -18.27 -13.52 -11.73
CA ALA A 205 -18.32 -14.73 -10.87
C ALA A 205 -19.73 -15.20 -10.48
N GLN A 206 -20.70 -14.30 -10.48
CA GLN A 206 -22.00 -14.63 -9.98
C GLN A 206 -21.89 -15.28 -8.61
N ASN A 207 -21.12 -14.66 -7.74
CA ASN A 207 -20.90 -15.19 -6.43
C ASN A 207 -21.66 -14.31 -5.40
N GLY A 208 -22.76 -13.64 -5.77
CA GLY A 208 -23.52 -12.90 -4.81
C GLY A 208 -22.74 -11.75 -4.22
N GLY A 209 -21.77 -11.27 -4.97
CA GLY A 209 -20.94 -10.17 -4.56
C GLY A 209 -20.04 -10.43 -3.39
N ASP A 210 -19.75 -11.73 -3.18
CA ASP A 210 -18.83 -12.16 -2.16
C ASP A 210 -17.47 -11.48 -2.32
N LEU A 211 -17.00 -10.86 -1.27
CA LEU A 211 -15.73 -10.16 -1.26
C LEU A 211 -14.74 -10.93 -0.52
N GLY A 212 -15.08 -12.08 0.01
CA GLY A 212 -14.06 -12.70 0.82
C GLY A 212 -13.75 -11.93 2.11
N LYS A 213 -12.70 -12.40 2.78
CA LYS A 213 -12.47 -11.89 4.12
C LYS A 213 -11.43 -10.84 4.01
N PHE A 214 -11.57 -9.77 4.76
CA PHE A 214 -10.63 -8.67 4.67
C PHE A 214 -10.45 -8.03 6.05
N GLN A 215 -9.24 -7.49 6.24
CA GLN A 215 -8.92 -6.73 7.39
C GLN A 215 -9.51 -5.34 7.31
N LYS A 216 -9.83 -4.81 8.47
CA LYS A 216 -10.43 -3.50 8.55
C LYS A 216 -9.59 -2.37 7.96
N ASN A 217 -8.34 -2.36 8.38
CA ASN A 217 -7.36 -1.44 7.79
C ASN A 217 -6.99 -1.69 6.32
N GLN A 218 -7.47 -2.72 5.64
CA GLN A 218 -7.00 -3.02 4.28
C GLN A 218 -8.05 -2.82 3.22
N MET A 219 -9.15 -2.17 3.55
CA MET A 219 -10.15 -1.81 2.56
C MET A 219 -10.23 -0.30 2.60
N ALA A 220 -10.83 0.30 1.57
CA ALA A 220 -11.00 1.71 1.60
C ALA A 220 -11.69 2.10 2.92
N PRO A 221 -11.23 3.19 3.55
CA PRO A 221 -11.70 3.50 4.87
C PRO A 221 -13.17 3.69 5.09
N ASP A 222 -13.86 4.30 4.14
CA ASP A 222 -15.25 4.65 4.43
C ASP A 222 -16.16 3.48 4.14
N PHE A 223 -15.70 2.62 3.23
CA PHE A 223 -16.26 1.30 2.98
C PHE A 223 -16.03 0.41 4.22
N SER A 224 -14.80 0.40 4.83
CA SER A 224 -14.61 -0.38 6.06
C SER A 224 -15.42 0.15 7.17
N LYS A 225 -15.42 1.44 7.37
CA LYS A 225 -16.24 1.89 8.47
C LYS A 225 -17.64 1.36 8.31
N ALA A 226 -18.19 1.45 7.08
CA ALA A 226 -19.62 1.10 6.94
C ALA A 226 -19.84 -0.37 7.25
N ALA A 227 -18.99 -1.19 6.61
CA ALA A 227 -18.99 -2.62 6.68
C ALA A 227 -18.90 -3.13 8.11
N PHE A 228 -17.91 -2.62 8.85
CA PHE A 228 -17.67 -3.10 10.18
C PHE A 228 -18.67 -2.52 11.16
N ALA A 229 -19.34 -1.47 10.76
CA ALA A 229 -20.36 -0.91 11.64
C ALA A 229 -21.60 -1.80 11.67
N LEU A 230 -21.75 -2.75 10.74
CA LEU A 230 -22.98 -3.52 10.67
C LEU A 230 -22.99 -4.63 11.66
N THR A 231 -24.20 -5.04 12.11
CA THR A 231 -24.47 -6.32 12.76
C THR A 231 -24.43 -7.41 11.74
N PRO A 232 -23.89 -8.56 12.08
CA PRO A 232 -23.88 -9.62 11.11
C PRO A 232 -25.26 -10.01 10.74
N GLY A 233 -25.48 -10.20 9.46
CA GLY A 233 -26.74 -10.54 8.96
C GLY A 233 -27.48 -9.31 8.53
N ASP A 234 -26.94 -8.09 8.74
CA ASP A 234 -27.54 -6.82 8.29
CA ASP A 234 -27.62 -6.85 8.25
C ASP A 234 -26.80 -6.27 7.12
N TYR A 235 -27.40 -5.30 6.45
CA TYR A 235 -26.81 -4.63 5.30
C TYR A 235 -27.06 -3.12 5.45
N THR A 236 -26.33 -2.34 4.69
CA THR A 236 -26.35 -0.92 4.85
C THR A 236 -27.67 -0.38 4.32
N LYS A 237 -28.30 0.49 5.11
CA LYS A 237 -29.61 1.00 4.77
C LYS A 237 -29.40 2.27 3.98
N THR A 238 -28.15 2.69 3.80
CA THR A 238 -27.81 3.86 3.07
C THR A 238 -26.65 3.52 2.14
N PRO A 239 -26.67 3.98 0.88
CA PRO A 239 -25.57 3.56 -0.01
C PRO A 239 -24.25 4.07 0.49
N VAL A 240 -23.13 3.50 0.07
CA VAL A 240 -21.82 3.97 0.43
C VAL A 240 -21.10 4.42 -0.84
N LYS A 241 -20.96 5.73 -1.02
CA LYS A 241 -20.31 6.25 -2.19
C LYS A 241 -18.87 6.07 -1.97
N THR A 242 -18.23 5.61 -3.03
CA THR A 242 -16.84 5.65 -3.21
C THR A 242 -16.49 6.14 -4.61
N GLU A 243 -15.20 6.08 -4.89
CA GLU A 243 -14.60 6.22 -6.19
C GLU A 243 -15.30 5.45 -7.28
N PHE A 244 -15.68 4.20 -7.00
CA PHE A 244 -16.20 3.29 -8.04
C PHE A 244 -17.71 3.40 -8.34
N GLY A 245 -18.48 4.10 -7.50
CA GLY A 245 -19.92 4.13 -7.52
C GLY A 245 -20.55 4.13 -6.13
N TYR A 246 -21.68 3.43 -5.97
CA TYR A 246 -22.43 3.30 -4.74
C TYR A 246 -22.48 1.85 -4.39
N HIS A 247 -22.10 1.53 -3.12
CA HIS A 247 -22.17 0.19 -2.62
C HIS A 247 -23.30 -0.07 -1.67
N ILE A 248 -23.89 -1.23 -1.77
CA ILE A 248 -24.71 -1.77 -0.71
C ILE A 248 -23.80 -2.88 -0.15
N ILE A 249 -23.66 -2.92 1.17
CA ILE A 249 -22.79 -3.91 1.82
C ILE A 249 -23.66 -4.72 2.76
N TYR A 250 -23.49 -6.04 2.66
CA TYR A 250 -24.09 -6.96 3.54
C TYR A 250 -22.97 -7.58 4.35
N LEU A 251 -23.03 -7.43 5.66
CA LEU A 251 -22.04 -8.13 6.56
C LEU A 251 -22.43 -9.58 6.92
N ILE A 252 -21.61 -10.52 6.52
CA ILE A 252 -21.84 -11.93 6.86
C ILE A 252 -21.37 -12.23 8.26
N SER A 253 -20.16 -11.80 8.58
CA SER A 253 -19.54 -12.14 9.85
C SER A 253 -18.38 -11.23 10.12
N LYS A 254 -18.04 -11.10 11.40
CA LYS A 254 -16.81 -10.39 11.74
C LYS A 254 -16.27 -10.92 13.05
N ASP A 255 -14.97 -10.87 13.24
CA ASP A 255 -14.43 -11.33 14.54
C ASP A 255 -14.39 -10.12 15.45
N SER A 256 -13.77 -10.23 16.61
CA SER A 256 -13.76 -9.17 17.61
C SER A 256 -12.57 -8.27 17.32
N PRO A 257 -12.77 -6.95 17.36
CA PRO A 257 -11.67 -6.03 17.07
C PRO A 257 -10.67 -5.91 18.18
N VAL A 258 -9.41 -5.76 17.79
CA VAL A 258 -8.37 -5.47 18.73
C VAL A 258 -7.86 -4.10 18.35
N THR A 259 -8.00 -3.16 19.27
CA THR A 259 -7.40 -1.85 19.14
C THR A 259 -5.96 -1.85 19.68
N TYR A 260 -4.98 -1.66 18.81
CA TYR A 260 -3.66 -1.23 19.26
C TYR A 260 -3.74 0.03 20.12
N THR A 261 -3.04 0.02 21.26
CA THR A 261 -2.88 1.26 22.09
C THR A 261 -1.92 2.27 21.43
N TYR A 262 -2.03 3.50 21.88
CA TYR A 262 -1.16 4.58 21.46
C TYR A 262 0.24 4.10 21.43
N GLU A 263 0.69 3.55 22.54
CA GLU A 263 2.04 3.12 22.75
C GLU A 263 2.43 2.05 21.75
N GLN A 264 1.55 1.10 21.48
CA GLN A 264 1.86 0.11 20.42
C GLN A 264 1.87 0.73 19.00
N ALA A 265 1.04 1.77 18.81
CA ALA A 265 0.80 2.35 17.49
C ALA A 265 1.93 3.32 17.12
N LYS A 266 2.57 3.86 18.16
CA LYS A 266 3.40 5.08 18.08
C LYS A 266 4.56 4.98 17.10
N PRO A 267 5.24 3.84 17.10
CA PRO A 267 6.22 3.68 16.00
C PRO A 267 5.65 3.89 14.65
N THR A 268 4.54 3.23 14.34
CA THR A 268 3.91 3.33 13.00
C THR A 268 3.42 4.73 12.73
N ILE A 269 2.89 5.36 13.77
CA ILE A 269 2.43 6.71 13.69
C ILE A 269 3.57 7.62 13.36
N LYS A 270 4.68 7.47 14.04
CA LYS A 270 5.87 8.31 13.79
C LYS A 270 6.25 8.17 12.33
N GLY A 271 6.28 6.95 11.83
CA GLY A 271 6.66 6.73 10.47
C GLY A 271 5.67 7.42 9.56
N MET A 272 4.38 7.25 9.84
CA MET A 272 3.41 7.80 8.91
C MET A 272 3.50 9.33 8.91
N LEU A 273 3.73 9.96 10.05
CA LEU A 273 3.82 11.39 10.05
C LEU A 273 5.07 11.84 9.32
N GLN A 274 6.16 11.07 9.33
CA GLN A 274 7.39 11.54 8.64
C GLN A 274 7.18 11.43 7.17
N GLU A 275 6.56 10.36 6.77
CA GLU A 275 6.19 10.15 5.41
C GLU A 275 5.36 11.26 4.90
N LYS A 276 4.43 11.77 5.69
CA LYS A 276 3.57 12.85 5.21
C LYS A 276 4.40 14.17 5.10
N LEU A 277 5.18 14.48 6.12
CA LEU A 277 6.11 15.59 6.08
C LEU A 277 7.00 15.52 4.88
N PHE A 278 7.48 14.34 4.56
CA PHE A 278 8.36 14.09 3.45
C PHE A 278 7.66 14.34 2.13
N GLN A 279 6.47 13.80 1.98
CA GLN A 279 5.72 14.00 0.77
C GLN A 279 5.39 15.46 0.63
N GLU A 280 5.01 16.11 1.73
CA GLU A 280 4.70 17.51 1.64
C GLU A 280 5.90 18.32 1.23
N ARG A 281 7.04 17.99 1.80
CA ARG A 281 8.26 18.67 1.50
C ARG A 281 8.65 18.54 0.03
N MET A 282 8.64 17.33 -0.47
CA MET A 282 8.98 17.08 -1.85
C MET A 282 8.00 17.70 -2.79
N ASN A 283 6.72 17.63 -2.47
CA ASN A 283 5.71 18.23 -3.31
C ASN A 283 5.94 19.70 -3.40
N GLN A 284 6.16 20.31 -2.26
CA GLN A 284 6.41 21.70 -2.23
C GLN A 284 7.60 22.08 -3.09
N ARG A 285 8.66 21.31 -3.00
CA ARG A 285 9.80 21.67 -3.76
C ARG A 285 9.56 21.43 -5.27
N ILE A 286 8.86 20.38 -5.58
CA ILE A 286 8.70 20.03 -6.94
C ILE A 286 7.75 21.05 -7.60
N GLU A 287 6.72 21.48 -6.90
CA GLU A 287 5.84 22.50 -7.44
C GLU A 287 6.54 23.79 -7.71
N GLU A 288 7.60 24.10 -6.95
CA GLU A 288 8.46 25.30 -7.22
C GLU A 288 9.23 25.07 -8.46
N LEU A 289 9.71 23.85 -8.70
CA LEU A 289 10.51 23.60 -9.90
C LEU A 289 9.60 23.66 -11.13
N ARG A 290 8.42 23.09 -11.02
CA ARG A 290 7.41 23.10 -12.01
C ARG A 290 7.15 24.49 -12.55
N LYS A 291 7.00 25.49 -11.67
CA LYS A 291 6.86 26.89 -12.11
C LYS A 291 7.95 27.53 -13.02
N HIS A 292 9.15 27.01 -13.00
CA HIS A 292 10.21 27.56 -13.82
C HIS A 292 10.40 26.79 -15.05
N ALA A 293 9.60 25.76 -15.26
CA ALA A 293 9.77 25.01 -16.48
C ALA A 293 8.52 25.23 -17.35
N LYS A 294 8.69 24.98 -18.63
CA LYS A 294 7.62 25.01 -19.63
C LYS A 294 7.20 23.58 -19.85
N ILE A 295 6.00 23.25 -19.42
CA ILE A 295 5.49 21.90 -19.50
C ILE A 295 4.31 21.86 -20.43
N VAL A 296 4.35 20.93 -21.35
CA VAL A 296 3.30 20.76 -22.39
C VAL A 296 2.94 19.27 -22.40
N ILE A 297 1.68 18.91 -22.23
CA ILE A 297 1.27 17.55 -22.47
C ILE A 297 0.63 17.47 -23.83
N ASN A 298 0.75 16.30 -24.46
CA ASN A 298 0.30 16.19 -25.86
C ASN A 298 -1.06 15.50 -26.07
N LYS A 299 -1.70 14.91 -25.05
CA LYS A 299 -3.07 14.46 -25.10
C LYS A 299 -3.88 15.16 -23.95
#